data_6UXU
#
_entry.id   6UXU
#
_cell.length_a   54.802
_cell.length_b   105.182
_cell.length_c   122.422
_cell.angle_alpha   90.000
_cell.angle_beta   90.000
_cell.angle_gamma   90.000
#
_symmetry.space_group_name_H-M   'P 21 21 21'
#
loop_
_entity.id
_entity.type
_entity.pdbx_description
1 polymer 'Chlorothalonil hydrolytic dehalogenase'
2 non-polymer 'ZINC ION'
3 water water
#
_entity_poly.entity_id   1
_entity_poly.type   'polypeptide(L)'
_entity_poly.pdbx_seq_one_letter_code
;LILDFNKVQMRSQQLAPGVYAHLPADSAELNAKGGVAGTSGGLIVGTRGAMLIETMLNRRLFDQVQALAKKEALGLPLLY
AVNTSYHGDHSYGNMYLKAPTRVIQSTKTRDYVDGHLADDKAFMVKNFGAGRGVEQITARTGDILVPPGGRVSVDLGGKT
VEIIDFGFAQTGGDLFVWEPQSKVMWTGNAVVASKPALPWLLDGKLVETLATLQKVYDFLPPDATIVPGHGVPMAREGLR
WHLDYLAAVQAGVKDALARKLSLEQTVTELKMPEFRGYVLFDFVHPDLNVPAAYENLYFQ
;
_entity_poly.pdbx_strand_id   A,B
#
loop_
_chem_comp.id
_chem_comp.type
_chem_comp.name
_chem_comp.formula
ZN non-polymer 'ZINC ION' 'Zn 2'
#
# COMPACT_ATOMS: atom_id res chain seq x y z
N LEU A 1 13.00 5.84 0.37
CA LEU A 1 11.91 6.41 -0.40
C LEU A 1 12.38 6.82 -1.80
N ILE A 2 11.69 6.33 -2.82
CA ILE A 2 12.02 6.70 -4.20
C ILE A 2 11.74 8.18 -4.42
N LEU A 3 10.68 8.71 -3.81
CA LEU A 3 10.29 10.11 -3.94
C LEU A 3 9.86 10.61 -2.56
N ASP A 4 10.55 11.62 -2.07
CA ASP A 4 10.24 12.21 -0.77
C ASP A 4 9.44 13.47 -0.99
N PHE A 5 8.14 13.40 -0.72
CA PHE A 5 7.28 14.57 -0.89
C PHE A 5 7.61 15.71 0.07
N ASN A 6 8.42 15.47 1.10
CA ASN A 6 8.85 16.60 1.92
C ASN A 6 10.01 17.37 1.29
N LYS A 7 10.56 16.89 0.17
CA LYS A 7 11.63 17.59 -0.53
C LYS A 7 11.19 18.22 -1.84
N VAL A 8 9.95 17.99 -2.27
CA VAL A 8 9.45 18.63 -3.48
C VAL A 8 9.28 20.13 -3.26
N GLN A 9 9.69 20.93 -4.26
CA GLN A 9 9.51 22.38 -4.26
C GLN A 9 8.76 22.79 -5.53
N MET A 10 7.55 23.34 -5.36
CA MET A 10 6.70 23.62 -6.51
C MET A 10 7.09 24.95 -7.15
N ARG A 11 7.07 24.97 -8.49
CA ARG A 11 7.36 26.18 -9.23
C ARG A 11 6.27 26.42 -10.26
N SER A 12 6.23 27.65 -10.76
CA SER A 12 5.22 28.09 -11.71
C SER A 12 5.86 28.21 -13.09
N GLN A 13 5.21 27.62 -14.09
CA GLN A 13 5.62 27.78 -15.48
C GLN A 13 4.44 28.31 -16.26
N GLN A 14 4.58 29.51 -16.81
CA GLN A 14 3.48 30.06 -17.59
C GLN A 14 3.40 29.38 -18.95
N LEU A 15 2.20 28.93 -19.32
CA LEU A 15 2.01 28.28 -20.60
C LEU A 15 1.34 29.17 -21.63
N ALA A 16 0.52 30.11 -21.17
CA ALA A 16 -0.24 31.05 -21.96
C ALA A 16 -0.76 32.12 -21.01
N PRO A 17 -1.31 33.25 -21.52
CA PRO A 17 -1.96 34.21 -20.61
C PRO A 17 -3.01 33.55 -19.74
N GLY A 18 -2.85 33.70 -18.43
CA GLY A 18 -3.78 33.09 -17.48
C GLY A 18 -3.74 31.58 -17.37
N VAL A 19 -2.73 30.91 -17.90
CA VAL A 19 -2.66 29.44 -17.88
C VAL A 19 -1.28 29.03 -17.41
N TYR A 20 -1.22 28.28 -16.31
CA TYR A 20 0.04 27.97 -15.64
C TYR A 20 0.08 26.49 -15.28
N ALA A 21 1.28 25.91 -15.36
CA ALA A 21 1.57 24.61 -14.77
C ALA A 21 2.25 24.83 -13.42
N HIS A 22 1.93 23.96 -12.47
CA HIS A 22 2.62 23.90 -11.20
C HIS A 22 3.50 22.67 -11.24
N LEU A 23 4.82 22.86 -11.16
CA LEU A 23 5.75 21.77 -11.41
C LEU A 23 6.80 21.71 -10.31
N PRO A 24 7.12 20.52 -9.82
CA PRO A 24 8.32 20.38 -8.97
C PRO A 24 9.53 20.94 -9.70
N ALA A 25 10.43 21.57 -8.93
CA ALA A 25 11.60 22.21 -9.52
C ALA A 25 12.53 21.22 -10.22
N ASP A 26 12.57 19.97 -9.76
CA ASP A 26 13.47 18.97 -10.33
C ASP A 26 12.79 18.10 -11.37
N SER A 27 11.55 18.42 -11.72
CA SER A 27 10.76 17.53 -12.57
C SER A 27 11.36 17.40 -13.96
N ALA A 28 11.84 18.51 -14.55
CA ALA A 28 12.40 18.43 -15.88
C ALA A 28 13.65 17.55 -15.90
N GLU A 29 14.49 17.67 -14.87
CA GLU A 29 15.70 16.85 -14.80
C GLU A 29 15.35 15.38 -14.61
N LEU A 30 14.41 15.08 -13.72
CA LEU A 30 14.03 13.70 -13.45
C LEU A 30 13.41 13.05 -14.70
N ASN A 31 12.52 13.75 -15.40
CA ASN A 31 11.89 13.13 -16.55
C ASN A 31 12.92 12.82 -17.64
N ALA A 32 13.89 13.73 -17.83
CA ALA A 32 14.94 13.49 -18.81
C ALA A 32 15.76 12.27 -18.47
N LYS A 33 15.94 11.99 -17.18
CA LYS A 33 16.74 10.85 -16.73
C LYS A 33 15.88 9.61 -16.44
N GLY A 34 14.58 9.64 -16.71
CA GLY A 34 13.76 8.50 -16.40
C GLY A 34 13.48 8.30 -14.93
N GLY A 35 13.63 9.34 -14.12
CA GLY A 35 13.36 9.27 -12.69
C GLY A 35 11.88 9.36 -12.37
N VAL A 36 11.59 9.44 -11.07
CA VAL A 36 10.23 9.49 -10.54
C VAL A 36 10.02 10.87 -9.95
N ALA A 37 9.17 11.69 -10.58
CA ALA A 37 8.97 13.07 -10.17
C ALA A 37 7.69 13.23 -9.35
N GLY A 38 7.63 14.34 -8.61
CA GLY A 38 6.44 14.68 -7.86
C GLY A 38 5.28 15.06 -8.78
N THR A 39 4.14 15.34 -8.15
CA THR A 39 2.88 15.59 -8.85
C THR A 39 2.90 16.95 -9.54
N SER A 40 2.45 16.99 -10.79
CA SER A 40 2.22 18.25 -11.48
C SER A 40 0.77 18.70 -11.31
N GLY A 41 0.57 20.02 -11.37
CA GLY A 41 -0.76 20.60 -11.29
C GLY A 41 -0.85 21.82 -12.18
N GLY A 42 -1.76 22.74 -11.89
CA GLY A 42 -1.86 23.91 -12.74
C GLY A 42 -2.93 24.87 -12.25
N LEU A 43 -3.04 25.98 -12.98
CA LEU A 43 -4.01 27.02 -12.68
C LEU A 43 -4.48 27.64 -13.99
N ILE A 44 -5.79 27.78 -14.14
CA ILE A 44 -6.40 28.49 -15.25
C ILE A 44 -7.14 29.70 -14.68
N VAL A 45 -6.85 30.88 -15.21
CA VAL A 45 -7.44 32.12 -14.71
C VAL A 45 -8.29 32.75 -15.80
N GLY A 46 -9.55 33.01 -15.49
CA GLY A 46 -10.42 33.80 -16.34
C GLY A 46 -10.52 35.23 -15.87
N THR A 47 -11.63 35.89 -16.27
CA THR A 47 -11.84 37.29 -15.88
C THR A 47 -12.42 37.42 -14.47
N ARG A 48 -13.09 36.41 -13.96
CA ARG A 48 -13.74 36.53 -12.67
C ARG A 48 -13.22 35.57 -11.61
N GLY A 49 -12.31 34.68 -11.97
CA GLY A 49 -11.84 33.73 -10.98
C GLY A 49 -10.98 32.68 -11.65
N ALA A 50 -10.48 31.76 -10.83
CA ALA A 50 -9.48 30.80 -11.25
C ALA A 50 -9.88 29.38 -10.88
N MET A 51 -9.25 28.42 -11.56
CA MET A 51 -9.44 27.00 -11.29
C MET A 51 -8.09 26.35 -11.01
N LEU A 52 -8.00 25.67 -9.88
CA LEU A 52 -6.79 24.95 -9.50
C LEU A 52 -6.91 23.50 -9.96
N ILE A 53 -5.88 23.00 -10.64
CA ILE A 53 -5.82 21.59 -11.02
C ILE A 53 -4.89 20.89 -10.05
N GLU A 54 -5.45 19.94 -9.29
CA GLU A 54 -4.80 19.18 -8.22
C GLU A 54 -4.54 20.02 -6.97
N THR A 55 -4.83 19.42 -5.81
CA THR A 55 -4.69 20.08 -4.53
C THR A 55 -3.55 19.51 -3.70
N MET A 56 -2.78 18.56 -4.24
CA MET A 56 -1.49 18.12 -3.70
C MET A 56 -1.64 17.17 -2.52
N LEU A 57 -0.52 16.59 -2.06
CA LEU A 57 -0.54 15.54 -1.06
C LEU A 57 -0.79 16.06 0.35
N ASN A 58 -0.35 17.27 0.67
CA ASN A 58 -0.26 17.65 2.07
C ASN A 58 -0.35 19.16 2.21
N ARG A 59 -0.41 19.62 3.47
CA ARG A 59 -0.56 21.05 3.73
C ARG A 59 0.62 21.84 3.15
N ARG A 60 1.83 21.30 3.26
CA ARG A 60 3.01 22.02 2.78
C ARG A 60 2.92 22.29 1.28
N LEU A 61 2.68 21.25 0.47
CA LEU A 61 2.59 21.44 -0.97
C LEU A 61 1.31 22.20 -1.35
N PHE A 62 0.22 22.00 -0.62
CA PHE A 62 -0.95 22.82 -0.90
C PHE A 62 -0.63 24.29 -0.68
N ASP A 63 0.08 24.62 0.40
CA ASP A 63 0.40 26.01 0.66
C ASP A 63 1.30 26.59 -0.42
N GLN A 64 2.18 25.76 -0.99
CA GLN A 64 3.05 26.25 -2.06
C GLN A 64 2.26 26.57 -3.32
N VAL A 65 1.36 25.69 -3.74
CA VAL A 65 0.62 25.97 -4.97
C VAL A 65 -0.41 27.08 -4.73
N GLN A 66 -0.96 27.16 -3.52
CA GLN A 66 -1.82 28.30 -3.19
C GLN A 66 -1.06 29.62 -3.27
N ALA A 67 0.21 29.63 -2.81
CA ALA A 67 1.02 30.84 -2.91
C ALA A 67 1.31 31.20 -4.37
N LEU A 68 1.66 30.20 -5.19
CA LEU A 68 1.80 30.44 -6.63
C LEU A 68 0.51 30.97 -7.23
N ALA A 69 -0.62 30.39 -6.83
CA ALA A 69 -1.91 30.78 -7.42
C ALA A 69 -2.28 32.21 -7.09
N LYS A 70 -1.90 32.70 -5.90
CA LYS A 70 -2.14 34.10 -5.55
C LYS A 70 -1.39 35.04 -6.50
N LYS A 71 -0.14 34.70 -6.83
CA LYS A 71 0.59 35.48 -7.81
C LYS A 71 0.02 35.31 -9.21
N GLU A 72 -0.40 34.09 -9.55
CA GLU A 72 -0.85 33.81 -10.91
C GLU A 72 -2.22 34.44 -11.17
N ALA A 73 -3.11 34.41 -10.19
CA ALA A 73 -4.45 34.94 -10.39
C ALA A 73 -4.58 36.39 -9.93
N LEU A 74 -3.52 36.95 -9.32
CA LEU A 74 -3.46 38.37 -8.96
C LEU A 74 -4.66 38.79 -8.11
N GLY A 75 -5.07 37.93 -7.18
CA GLY A 75 -6.13 38.29 -6.26
C GLY A 75 -7.53 37.86 -6.65
N LEU A 76 -7.74 37.38 -7.87
CA LEU A 76 -9.06 36.87 -8.24
C LEU A 76 -9.35 35.60 -7.43
N PRO A 77 -10.62 35.35 -7.11
CA PRO A 77 -10.94 34.20 -6.25
C PRO A 77 -10.70 32.85 -6.93
N LEU A 78 -10.38 31.87 -6.09
CA LEU A 78 -10.29 30.48 -6.50
C LEU A 78 -11.70 29.91 -6.49
N LEU A 79 -12.29 29.79 -7.67
CA LEU A 79 -13.68 29.32 -7.80
C LEU A 79 -13.79 27.79 -7.78
N TYR A 80 -12.79 27.09 -8.28
CA TYR A 80 -12.85 25.64 -8.47
C TYR A 80 -11.50 25.01 -8.19
N ALA A 81 -11.54 23.76 -7.74
CA ALA A 81 -10.36 22.89 -7.70
C ALA A 81 -10.76 21.53 -8.25
N VAL A 82 -9.93 20.97 -9.12
CA VAL A 82 -10.19 19.70 -9.81
C VAL A 82 -9.23 18.65 -9.29
N ASN A 83 -9.75 17.46 -8.97
CA ASN A 83 -8.95 16.26 -8.74
C ASN A 83 -9.07 15.38 -9.97
N THR A 84 -7.95 15.13 -10.67
CA THR A 84 -8.00 14.26 -11.83
C THR A 84 -8.24 12.80 -11.44
N SER A 85 -7.91 12.41 -10.21
CA SER A 85 -8.22 11.08 -9.71
C SER A 85 -8.25 11.13 -8.19
N TYR A 86 -8.60 10.00 -7.56
CA TYR A 86 -8.67 9.95 -6.10
C TYR A 86 -7.29 9.91 -5.45
N HIS A 87 -6.24 9.57 -6.21
CA HIS A 87 -4.90 9.43 -5.62
C HIS A 87 -4.53 10.63 -4.75
N GLY A 88 -4.04 10.33 -3.54
CA GLY A 88 -3.85 11.38 -2.55
C GLY A 88 -2.90 12.49 -2.97
N ASP A 89 -1.89 12.17 -3.78
CA ASP A 89 -1.00 13.25 -4.23
C ASP A 89 -1.70 14.24 -5.15
N HIS A 90 -2.90 13.92 -5.61
CA HIS A 90 -3.71 14.83 -6.43
C HIS A 90 -4.90 15.44 -5.68
N SER A 91 -5.27 14.92 -4.50
CA SER A 91 -6.57 15.26 -3.94
C SER A 91 -6.60 15.47 -2.43
N TYR A 92 -5.56 15.09 -1.69
CA TYR A 92 -5.60 15.17 -0.22
C TYR A 92 -5.72 16.61 0.27
N GLY A 93 -5.16 17.57 -0.45
CA GLY A 93 -5.25 18.97 -0.08
C GLY A 93 -6.62 19.59 -0.15
N ASN A 94 -7.65 18.84 -0.61
CA ASN A 94 -9.01 19.37 -0.69
C ASN A 94 -9.44 19.99 0.65
N MET A 95 -9.01 19.37 1.76
CA MET A 95 -9.44 19.82 3.07
C MET A 95 -8.96 21.22 3.40
N TYR A 96 -7.96 21.74 2.69
CA TYR A 96 -7.41 23.04 3.03
C TYR A 96 -8.02 24.16 2.21
N LEU A 97 -8.86 23.85 1.22
CA LEU A 97 -9.59 24.85 0.47
C LEU A 97 -10.58 25.57 1.38
N LYS A 98 -10.76 26.88 1.11
CA LYS A 98 -11.74 27.70 1.81
C LYS A 98 -12.86 28.06 0.84
N ALA A 99 -13.95 28.57 1.38
CA ALA A 99 -14.97 29.17 0.54
C ALA A 99 -14.34 30.29 -0.30
N PRO A 100 -14.78 30.49 -1.55
CA PRO A 100 -15.96 29.86 -2.15
C PRO A 100 -15.62 28.65 -3.05
N THR A 101 -14.43 28.07 -2.90
CA THR A 101 -13.93 27.10 -3.88
C THR A 101 -14.77 25.83 -3.85
N ARG A 102 -15.19 25.37 -5.03
CA ARG A 102 -15.93 24.13 -5.17
C ARG A 102 -15.05 23.05 -5.79
N VAL A 103 -15.11 21.84 -5.23
CA VAL A 103 -14.26 20.75 -5.71
C VAL A 103 -14.99 20.03 -6.83
N ILE A 104 -14.28 19.79 -7.93
CA ILE A 104 -14.77 19.00 -9.06
C ILE A 104 -14.01 17.69 -9.07
N GLN A 105 -14.73 16.57 -9.08
CA GLN A 105 -14.09 15.27 -9.20
C GLN A 105 -15.12 14.30 -9.78
N SER A 106 -14.65 13.09 -10.07
CA SER A 106 -15.54 12.09 -10.61
CA SER A 106 -15.53 12.07 -10.61
C SER A 106 -16.41 11.50 -9.49
N THR A 107 -17.58 10.99 -9.88
CA THR A 107 -18.42 10.30 -8.90
C THR A 107 -17.69 9.10 -8.31
N LYS A 108 -16.88 8.41 -9.12
CA LYS A 108 -16.11 7.27 -8.61
C LYS A 108 -15.08 7.70 -7.56
N THR A 109 -14.42 8.85 -7.79
CA THR A 109 -13.53 9.39 -6.79
C THR A 109 -14.25 9.61 -5.47
N ARG A 110 -15.42 10.27 -5.53
CA ARG A 110 -16.21 10.54 -4.33
C ARG A 110 -16.57 9.26 -3.60
N ASP A 111 -17.09 8.27 -4.34
CA ASP A 111 -17.46 6.99 -3.73
C ASP A 111 -16.27 6.38 -3.02
N TYR A 112 -15.10 6.36 -3.68
CA TYR A 112 -13.94 5.69 -3.10
C TYR A 112 -13.45 6.40 -1.84
N VAL A 113 -13.34 7.74 -1.89
CA VAL A 113 -12.90 8.49 -0.72
C VAL A 113 -13.86 8.28 0.43
N ASP A 114 -15.17 8.31 0.14
CA ASP A 114 -16.20 8.18 1.17
C ASP A 114 -16.06 6.86 1.93
N GLY A 115 -15.75 5.78 1.22
CA GLY A 115 -15.70 4.47 1.84
C GLY A 115 -14.33 4.01 2.30
N HIS A 116 -13.25 4.61 1.76
CA HIS A 116 -11.94 3.97 1.96
C HIS A 116 -10.79 4.94 2.19
N LEU A 117 -11.05 6.21 2.54
CA LEU A 117 -9.95 7.16 2.71
C LEU A 117 -8.94 6.64 3.73
N ALA A 118 -9.43 6.03 4.81
CA ALA A 118 -8.57 5.54 5.88
C ALA A 118 -7.57 4.51 5.38
N ASP A 119 -8.01 3.55 4.56
CA ASP A 119 -7.03 2.58 4.10
C ASP A 119 -6.18 3.13 2.96
N ASP A 120 -6.71 4.08 2.19
CA ASP A 120 -5.88 4.77 1.20
C ASP A 120 -4.75 5.54 1.88
N LYS A 121 -5.04 6.22 3.00
CA LYS A 121 -4.02 6.94 3.75
C LYS A 121 -2.96 5.98 4.29
N ALA A 122 -3.40 4.83 4.82
CA ALA A 122 -2.45 3.83 5.30
C ALA A 122 -1.51 3.37 4.19
N PHE A 123 -2.04 3.17 2.98
CA PHE A 123 -1.21 2.78 1.84
C PHE A 123 -0.19 3.86 1.50
N MET A 124 -0.63 5.12 1.47
CA MET A 124 0.25 6.23 1.16
C MET A 124 1.33 6.40 2.22
N VAL A 125 1.01 6.18 3.50
CA VAL A 125 2.05 6.26 4.53
C VAL A 125 3.07 5.15 4.33
N LYS A 126 2.60 3.94 3.98
CA LYS A 126 3.48 2.80 3.75
C LYS A 126 4.49 3.09 2.64
N ASN A 127 4.05 3.71 1.55
CA ASN A 127 4.90 3.85 0.37
C ASN A 127 5.62 5.19 0.29
N PHE A 128 5.09 6.24 0.92
CA PHE A 128 5.75 7.55 0.88
C PHE A 128 6.19 8.04 2.25
N GLY A 129 6.01 7.24 3.29
CA GLY A 129 6.58 7.54 4.57
C GLY A 129 5.61 8.25 5.49
N ALA A 130 5.83 8.10 6.79
CA ALA A 130 5.08 8.88 7.75
C ALA A 130 5.70 10.28 7.88
N GLY A 131 4.93 11.20 8.45
CA GLY A 131 5.41 12.55 8.62
C GLY A 131 5.44 13.38 7.35
N ARG A 132 4.82 12.90 6.28
CA ARG A 132 4.70 13.63 5.03
C ARG A 132 3.32 14.27 4.88
N GLY A 133 2.57 14.40 5.98
CA GLY A 133 1.33 15.14 5.97
C GLY A 133 0.09 14.32 5.68
N VAL A 134 0.23 13.04 5.36
CA VAL A 134 -0.94 12.20 5.09
C VAL A 134 -1.77 12.00 6.35
N GLU A 135 -1.11 11.82 7.50
CA GLU A 135 -1.82 11.56 8.75
C GLU A 135 -2.81 12.66 9.09
N GLN A 136 -2.51 13.89 8.73
CA GLN A 136 -3.39 15.02 9.05
C GLN A 136 -4.63 15.09 8.15
N ILE A 137 -4.70 14.29 7.07
CA ILE A 137 -5.72 14.50 6.05
C ILE A 137 -7.08 14.03 6.55
N THR A 138 -8.10 14.87 6.37
CA THR A 138 -9.49 14.51 6.58
C THR A 138 -10.23 14.60 5.24
N ALA A 139 -11.34 13.88 5.15
CA ALA A 139 -12.06 13.74 3.89
C ALA A 139 -12.74 15.05 3.51
N ARG A 140 -12.61 15.42 2.23
CA ARG A 140 -13.35 16.52 1.64
C ARG A 140 -13.63 16.09 0.20
N THR A 141 -14.81 15.51 -0.01
CA THR A 141 -15.16 15.00 -1.32
C THR A 141 -15.81 16.11 -2.16
N GLY A 142 -16.16 15.77 -3.39
CA GLY A 142 -16.46 16.78 -4.39
C GLY A 142 -17.81 17.43 -4.20
N ASP A 143 -17.90 18.66 -4.69
CA ASP A 143 -19.16 19.40 -4.75
C ASP A 143 -19.89 19.11 -6.05
N ILE A 144 -19.14 19.14 -7.15
CA ILE A 144 -19.63 18.92 -8.50
C ILE A 144 -19.00 17.62 -8.98
N LEU A 145 -19.82 16.64 -9.32
CA LEU A 145 -19.32 15.31 -9.63
C LEU A 145 -19.59 14.97 -11.09
N VAL A 146 -18.55 14.49 -11.78
CA VAL A 146 -18.66 14.11 -13.19
C VAL A 146 -18.98 12.63 -13.24
N PRO A 147 -20.13 12.24 -13.77
CA PRO A 147 -20.51 10.80 -13.81
C PRO A 147 -19.63 10.02 -14.76
N PRO A 148 -19.67 8.68 -14.67
CA PRO A 148 -18.85 7.86 -15.58
C PRO A 148 -19.07 8.23 -17.04
N GLY A 149 -17.96 8.45 -17.75
CA GLY A 149 -18.05 8.84 -19.14
C GLY A 149 -18.62 10.21 -19.41
N GLY A 150 -18.79 11.05 -18.39
CA GLY A 150 -19.42 12.35 -18.57
C GLY A 150 -18.44 13.47 -18.86
N ARG A 151 -19.00 14.66 -19.06
CA ARG A 151 -18.18 15.86 -19.19
C ARG A 151 -19.00 17.07 -18.76
N VAL A 152 -18.29 18.12 -18.32
CA VAL A 152 -18.93 19.34 -17.88
C VAL A 152 -18.04 20.50 -18.24
N SER A 153 -18.68 21.64 -18.51
CA SER A 153 -18.01 22.90 -18.82
C SER A 153 -18.14 23.86 -17.64
N VAL A 154 -17.09 24.64 -17.39
CA VAL A 154 -17.03 25.54 -16.26
C VAL A 154 -16.58 26.89 -16.80
N ASP A 155 -17.40 27.92 -16.59
CA ASP A 155 -17.14 29.27 -17.11
C ASP A 155 -16.47 30.09 -16.00
N LEU A 156 -15.20 30.46 -16.22
CA LEU A 156 -14.47 31.31 -15.30
C LEU A 156 -14.56 32.78 -15.66
N GLY A 157 -15.36 33.12 -16.66
CA GLY A 157 -15.37 34.46 -17.21
C GLY A 157 -14.39 34.57 -18.37
N GLY A 158 -14.92 34.65 -19.59
CA GLY A 158 -14.08 34.71 -20.77
C GLY A 158 -13.37 33.43 -21.14
N LYS A 159 -13.21 32.50 -20.20
CA LYS A 159 -12.58 31.21 -20.42
C LYS A 159 -13.54 30.13 -19.93
N THR A 160 -13.80 29.14 -20.77
CA THR A 160 -14.64 28.01 -20.40
C THR A 160 -13.78 26.75 -20.45
N VAL A 161 -13.73 26.03 -19.34
CA VAL A 161 -12.85 24.88 -19.18
C VAL A 161 -13.67 23.61 -19.33
N GLU A 162 -13.15 22.63 -20.05
CA GLU A 162 -13.83 21.35 -20.22
C GLU A 162 -13.21 20.32 -19.29
N ILE A 163 -14.06 19.61 -18.55
CA ILE A 163 -13.62 18.54 -17.65
C ILE A 163 -14.27 17.27 -18.16
N ILE A 164 -13.44 16.33 -18.60
CA ILE A 164 -13.87 15.24 -19.48
C ILE A 164 -13.41 13.90 -18.92
N ASP A 165 -14.33 12.95 -18.86
CA ASP A 165 -14.01 11.56 -18.60
C ASP A 165 -13.98 10.86 -19.96
N PHE A 166 -12.77 10.61 -20.47
CA PHE A 166 -12.58 9.92 -21.74
C PHE A 166 -12.70 8.41 -21.62
N GLY A 167 -12.88 7.89 -20.42
CA GLY A 167 -12.91 6.45 -20.18
C GLY A 167 -11.87 6.07 -19.15
N PHE A 168 -11.80 4.76 -18.88
CA PHE A 168 -10.83 4.25 -17.92
C PHE A 168 -9.40 4.54 -18.39
N ALA A 169 -8.62 5.21 -17.54
CA ALA A 169 -7.21 5.42 -17.83
C ALA A 169 -6.26 5.08 -16.70
N GLN A 170 -6.75 4.90 -15.47
CA GLN A 170 -5.89 4.54 -14.34
C GLN A 170 -6.74 4.05 -13.17
N THR A 171 -7.83 4.77 -12.88
CA THR A 171 -8.66 4.45 -11.73
C THR A 171 -10.10 4.12 -12.07
N GLY A 172 -10.64 4.66 -13.16
CA GLY A 172 -12.05 4.54 -13.44
C GLY A 172 -12.84 5.78 -13.11
N GLY A 173 -12.24 6.73 -12.39
CA GLY A 173 -12.82 8.05 -12.23
C GLY A 173 -11.80 9.11 -12.61
N ASP A 174 -11.20 8.90 -13.78
CA ASP A 174 -10.11 9.73 -14.28
C ASP A 174 -10.68 10.90 -15.06
N LEU A 175 -10.32 12.11 -14.67
CA LEU A 175 -10.78 13.30 -15.34
C LEU A 175 -9.62 13.96 -16.07
N PHE A 176 -9.89 14.45 -17.27
CA PHE A 176 -8.97 15.27 -18.04
C PHE A 176 -9.49 16.70 -18.03
N VAL A 177 -8.57 17.67 -17.93
CA VAL A 177 -8.93 19.08 -17.94
C VAL A 177 -8.40 19.69 -19.22
N TRP A 178 -9.30 20.30 -20.01
CA TRP A 178 -8.99 20.82 -21.33
C TRP A 178 -9.32 22.31 -21.33
N GLU A 179 -8.31 23.13 -21.62
CA GLU A 179 -8.51 24.58 -21.79
C GLU A 179 -8.37 24.88 -23.28
N PRO A 180 -9.48 25.04 -24.01
CA PRO A 180 -9.41 25.01 -25.48
C PRO A 180 -8.82 26.25 -26.11
N GLN A 181 -8.69 27.37 -25.42
CA GLN A 181 -8.09 28.46 -26.20
C GLN A 181 -6.57 28.47 -26.13
N SER A 182 -5.96 28.15 -24.98
CA SER A 182 -4.53 27.90 -24.94
C SER A 182 -4.17 26.49 -25.41
N LYS A 183 -5.14 25.59 -25.56
CA LYS A 183 -4.92 24.21 -26.01
C LYS A 183 -4.02 23.44 -25.04
N VAL A 184 -4.30 23.57 -23.74
CA VAL A 184 -3.58 22.86 -22.69
C VAL A 184 -4.48 21.77 -22.12
N MET A 185 -3.93 20.57 -21.96
CA MET A 185 -4.65 19.45 -21.37
CA MET A 185 -4.65 19.43 -21.39
C MET A 185 -3.87 18.88 -20.20
N TRP A 186 -4.52 18.82 -19.04
CA TRP A 186 -3.98 18.10 -17.88
C TRP A 186 -4.53 16.69 -17.90
N THR A 187 -3.64 15.70 -17.78
CA THR A 187 -4.03 14.30 -17.83
C THR A 187 -4.05 13.60 -16.48
N GLY A 188 -3.51 14.21 -15.42
CA GLY A 188 -3.31 13.40 -14.21
C GLY A 188 -2.47 12.16 -14.49
N ASN A 189 -2.63 11.15 -13.62
CA ASN A 189 -1.83 9.93 -13.72
C ASN A 189 -2.02 9.17 -15.04
N ALA A 190 -3.06 9.49 -15.81
CA ALA A 190 -3.30 8.75 -17.04
C ALA A 190 -2.11 8.84 -17.99
N VAL A 191 -1.39 9.94 -17.97
CA VAL A 191 -0.11 10.07 -18.66
C VAL A 191 0.91 10.44 -17.59
N VAL A 192 1.79 9.49 -17.24
CA VAL A 192 2.69 9.67 -16.10
C VAL A 192 3.68 10.80 -16.36
N ALA A 193 4.36 10.77 -17.50
CA ALA A 193 5.39 11.73 -17.88
C ALA A 193 5.80 11.42 -19.32
N SER A 194 6.70 12.23 -19.86
CA SER A 194 7.27 11.91 -21.15
C SER A 194 8.07 10.59 -21.08
N LYS A 195 8.36 10.04 -22.24
CA LYS A 195 9.31 8.94 -22.35
C LYS A 195 10.55 9.26 -21.51
N PRO A 196 11.15 8.26 -20.83
CA PRO A 196 10.83 6.83 -20.89
C PRO A 196 9.85 6.32 -19.84
N ALA A 197 9.20 7.22 -19.10
CA ALA A 197 8.21 6.79 -18.11
C ALA A 197 7.15 5.89 -18.76
N LEU A 198 6.67 4.92 -17.99
CA LEU A 198 5.69 3.94 -18.41
C LEU A 198 4.37 4.12 -17.68
N PRO A 199 3.24 3.86 -18.34
CA PRO A 199 1.96 3.73 -17.62
C PRO A 199 2.05 2.63 -16.57
N TRP A 200 1.26 2.78 -15.51
CA TRP A 200 1.11 1.77 -14.47
C TRP A 200 -0.26 1.13 -14.60
N LEU A 201 -0.30 -0.14 -15.03
CA LEU A 201 -1.56 -0.86 -15.19
C LEU A 201 -1.93 -1.59 -13.89
N LEU A 202 -2.26 -0.80 -12.88
CA LEU A 202 -2.47 -1.35 -11.53
C LEU A 202 -3.49 -2.49 -11.54
N ASP A 203 -4.55 -2.39 -12.35
CA ASP A 203 -5.60 -3.40 -12.40
C ASP A 203 -5.59 -4.21 -13.69
N GLY A 204 -4.54 -4.07 -14.52
CA GLY A 204 -4.44 -4.78 -15.77
C GLY A 204 -5.39 -4.36 -16.85
N LYS A 205 -6.04 -3.18 -16.73
CA LYS A 205 -7.06 -2.74 -17.69
C LYS A 205 -6.38 -2.13 -18.92
N LEU A 206 -5.60 -2.99 -19.58
CA LEU A 206 -4.79 -2.60 -20.72
C LEU A 206 -5.65 -2.14 -21.89
N VAL A 207 -6.66 -2.94 -22.25
CA VAL A 207 -7.46 -2.63 -23.42
C VAL A 207 -8.19 -1.29 -23.24
N GLU A 208 -8.76 -1.07 -22.05
CA GLU A 208 -9.44 0.19 -21.78
C GLU A 208 -8.46 1.36 -21.77
N THR A 209 -7.31 1.19 -21.12
CA THR A 209 -6.38 2.30 -21.01
C THR A 209 -5.85 2.73 -22.37
N LEU A 210 -5.52 1.75 -23.21
CA LEU A 210 -5.04 2.08 -24.55
C LEU A 210 -6.12 2.80 -25.35
N ALA A 211 -7.37 2.31 -25.29
CA ALA A 211 -8.45 2.97 -26.02
C ALA A 211 -8.67 4.40 -25.52
N THR A 212 -8.61 4.60 -24.21
CA THR A 212 -8.81 5.95 -23.67
C THR A 212 -7.71 6.90 -24.16
N LEU A 213 -6.46 6.46 -24.11
CA LEU A 213 -5.38 7.34 -24.54
C LEU A 213 -5.39 7.55 -26.05
N GLN A 214 -5.89 6.57 -26.82
CA GLN A 214 -6.06 6.80 -28.25
C GLN A 214 -7.12 7.86 -28.50
N LYS A 215 -8.18 7.87 -27.71
CA LYS A 215 -9.23 8.88 -27.87
C LYS A 215 -8.69 10.27 -27.54
N VAL A 216 -7.86 10.36 -26.50
CA VAL A 216 -7.23 11.64 -26.16
C VAL A 216 -6.31 12.10 -27.27
N TYR A 217 -5.49 11.20 -27.81
CA TYR A 217 -4.61 11.55 -28.92
C TYR A 217 -5.42 12.09 -30.11
N ASP A 218 -6.50 11.40 -30.47
CA ASP A 218 -7.34 11.83 -31.59
C ASP A 218 -8.06 13.14 -31.28
N PHE A 219 -8.36 13.39 -30.01
CA PHE A 219 -9.06 14.61 -29.61
C PHE A 219 -8.16 15.83 -29.70
N LEU A 220 -6.89 15.69 -29.33
CA LEU A 220 -6.01 16.85 -29.20
C LEU A 220 -5.61 17.41 -30.57
N PRO A 221 -5.55 18.73 -30.72
CA PRO A 221 -4.99 19.32 -31.93
C PRO A 221 -3.48 19.16 -31.95
N PRO A 222 -2.85 19.29 -33.12
CA PRO A 222 -1.39 19.06 -33.21
C PRO A 222 -0.56 20.02 -32.39
N ASP A 223 -1.06 21.22 -32.09
CA ASP A 223 -0.31 22.19 -31.30
C ASP A 223 -0.73 22.19 -29.83
N ALA A 224 -1.32 21.10 -29.35
CA ALA A 224 -1.73 21.03 -27.97
C ALA A 224 -0.53 20.88 -27.04
N THR A 225 -0.72 21.32 -25.79
CA THR A 225 0.23 21.12 -24.71
C THR A 225 -0.38 20.14 -23.71
N ILE A 226 0.38 19.13 -23.33
CA ILE A 226 -0.04 18.14 -22.35
C ILE A 226 0.76 18.35 -21.07
N VAL A 227 0.06 18.48 -19.94
CA VAL A 227 0.70 18.47 -18.63
C VAL A 227 0.46 17.09 -18.02
N PRO A 228 1.46 16.22 -17.96
CA PRO A 228 1.25 14.88 -17.40
C PRO A 228 1.19 14.96 -15.88
N GLY A 229 0.82 13.82 -15.29
CA GLY A 229 0.59 13.79 -13.85
C GLY A 229 1.86 13.97 -13.05
N HIS A 230 2.98 13.42 -13.54
CA HIS A 230 4.26 13.51 -12.85
C HIS A 230 5.36 13.92 -13.80
N GLY A 231 5.09 14.92 -14.63
CA GLY A 231 6.12 15.41 -15.52
C GLY A 231 5.85 16.82 -15.96
N VAL A 232 6.80 17.36 -16.71
CA VAL A 232 6.70 18.72 -17.24
C VAL A 232 5.94 18.66 -18.56
N PRO A 233 5.46 19.80 -19.08
CA PRO A 233 4.64 19.79 -20.29
C PRO A 233 5.32 19.13 -21.49
N MET A 234 4.50 18.58 -22.37
CA MET A 234 5.02 17.90 -23.53
C MET A 234 4.07 18.12 -24.70
N ALA A 235 4.58 17.86 -25.89
CA ALA A 235 3.78 18.00 -27.10
C ALA A 235 2.92 16.76 -27.30
N ARG A 236 1.94 16.89 -28.20
CA ARG A 236 1.00 15.81 -28.44
C ARG A 236 1.70 14.54 -28.89
N GLU A 237 2.77 14.66 -29.69
CA GLU A 237 3.48 13.47 -30.14
C GLU A 237 4.19 12.75 -29.00
N GLY A 238 4.37 13.40 -27.84
CA GLY A 238 4.90 12.68 -26.70
C GLY A 238 4.01 11.56 -26.23
N LEU A 239 2.72 11.60 -26.57
CA LEU A 239 1.82 10.50 -26.25
C LEU A 239 2.14 9.22 -27.00
N ARG A 240 2.79 9.30 -28.16
CA ARG A 240 2.98 8.11 -28.98
C ARG A 240 3.80 7.04 -28.25
N TRP A 241 4.77 7.45 -27.44
CA TRP A 241 5.53 6.51 -26.63
C TRP A 241 4.60 5.63 -25.80
N HIS A 242 3.63 6.26 -25.12
CA HIS A 242 2.71 5.50 -24.28
C HIS A 242 1.78 4.66 -25.12
N LEU A 243 1.30 5.20 -26.25
CA LEU A 243 0.44 4.41 -27.15
C LEU A 243 1.19 3.21 -27.71
N ASP A 244 2.45 3.41 -28.11
CA ASP A 244 3.21 2.30 -28.67
C ASP A 244 3.48 1.24 -27.61
N TYR A 245 3.85 1.65 -26.40
CA TYR A 245 4.11 0.69 -25.35
C TYR A 245 2.88 -0.15 -25.05
N LEU A 246 1.73 0.50 -24.86
CA LEU A 246 0.53 -0.25 -24.53
C LEU A 246 0.12 -1.16 -25.68
N ALA A 247 0.23 -0.68 -26.92
CA ALA A 247 -0.10 -1.52 -28.07
C ALA A 247 0.84 -2.72 -28.17
N ALA A 248 2.13 -2.52 -27.88
CA ALA A 248 3.07 -3.65 -27.89
C ALA A 248 2.71 -4.67 -26.80
N VAL A 249 2.40 -4.21 -25.59
CA VAL A 249 2.00 -5.16 -24.55
C VAL A 249 0.73 -5.87 -24.95
N GLN A 250 -0.25 -5.13 -25.49
CA GLN A 250 -1.49 -5.77 -25.89
C GLN A 250 -1.26 -6.84 -26.95
N ALA A 251 -0.45 -6.54 -27.97
CA ALA A 251 -0.17 -7.53 -29.00
C ALA A 251 0.57 -8.73 -28.45
N GLY A 252 1.49 -8.51 -27.50
CA GLY A 252 2.25 -9.64 -26.96
C GLY A 252 1.44 -10.52 -26.05
N VAL A 253 0.60 -9.92 -25.21
CA VAL A 253 -0.22 -10.68 -24.27
C VAL A 253 -1.33 -11.42 -25.02
N LYS A 254 -1.94 -10.79 -26.03
CA LYS A 254 -2.95 -11.48 -26.82
C LYS A 254 -2.35 -12.68 -27.55
N ASP A 255 -1.17 -12.51 -28.13
CA ASP A 255 -0.48 -13.63 -28.77
C ASP A 255 -0.15 -14.73 -27.77
N ALA A 256 0.29 -14.35 -26.57
CA ALA A 256 0.58 -15.35 -25.56
C ALA A 256 -0.67 -16.12 -25.18
N LEU A 257 -1.80 -15.42 -24.99
CA LEU A 257 -3.04 -16.10 -24.63
C LEU A 257 -3.56 -16.98 -25.77
N ALA A 258 -3.35 -16.54 -27.02
CA ALA A 258 -3.74 -17.37 -28.16
C ALA A 258 -2.92 -18.66 -28.24
N ARG A 259 -1.65 -18.61 -27.86
CA ARG A 259 -0.81 -19.81 -27.80
C ARG A 259 -0.97 -20.57 -26.49
N LYS A 260 -1.80 -20.09 -25.57
CA LYS A 260 -2.07 -20.75 -24.30
C LYS A 260 -0.82 -20.83 -23.42
N LEU A 261 0.05 -19.82 -23.51
CA LEU A 261 1.23 -19.78 -22.66
C LEU A 261 0.84 -19.53 -21.21
N SER A 262 1.63 -20.07 -20.29
CA SER A 262 1.43 -19.73 -18.89
C SER A 262 1.81 -18.26 -18.64
N LEU A 263 1.41 -17.75 -17.47
CA LEU A 263 1.79 -16.39 -17.10
C LEU A 263 3.30 -16.23 -17.04
N GLU A 264 3.99 -17.19 -16.40
CA GLU A 264 5.45 -17.12 -16.29
C GLU A 264 6.11 -17.08 -17.65
N GLN A 265 5.66 -17.90 -18.59
CA GLN A 265 6.25 -17.90 -19.92
C GLN A 265 5.99 -16.58 -20.63
N THR A 266 4.82 -15.99 -20.41
CA THR A 266 4.49 -14.70 -21.01
C THR A 266 5.43 -13.61 -20.50
N VAL A 267 5.61 -13.53 -19.18
CA VAL A 267 6.52 -12.54 -18.61
C VAL A 267 7.92 -12.75 -19.15
N THR A 268 8.39 -14.01 -19.18
CA THR A 268 9.71 -14.31 -19.73
C THR A 268 9.83 -13.85 -21.18
N GLU A 269 8.77 -14.00 -21.97
CA GLU A 269 8.86 -13.69 -23.39
C GLU A 269 8.82 -12.18 -23.67
N LEU A 270 8.00 -11.43 -22.92
CA LEU A 270 7.76 -10.01 -23.22
C LEU A 270 8.72 -9.10 -22.44
N LYS A 271 9.99 -9.24 -22.76
CA LYS A 271 11.00 -8.41 -22.09
C LYS A 271 10.94 -6.98 -22.61
N MET A 272 10.62 -6.81 -23.89
CA MET A 272 10.53 -5.55 -24.63
C MET A 272 11.63 -4.58 -24.24
N PRO A 273 12.89 -4.91 -24.55
CA PRO A 273 14.00 -4.04 -24.14
C PRO A 273 13.99 -2.67 -24.82
N GLU A 274 13.29 -2.51 -25.94
CA GLU A 274 13.26 -1.23 -26.62
C GLU A 274 12.45 -0.16 -25.88
N PHE A 275 11.73 -0.53 -24.81
CA PHE A 275 10.96 0.45 -24.03
C PHE A 275 11.62 0.75 -22.69
N ARG A 276 12.87 0.37 -22.49
CA ARG A 276 13.54 0.62 -21.21
C ARG A 276 13.97 2.08 -21.11
N GLY A 277 14.40 2.46 -19.92
CA GLY A 277 14.85 3.82 -19.63
C GLY A 277 14.31 4.33 -18.31
N TYR A 278 13.05 3.99 -18.02
CA TYR A 278 12.43 4.31 -16.74
C TYR A 278 13.18 3.61 -15.61
N VAL A 279 13.46 4.35 -14.54
CA VAL A 279 14.17 3.78 -13.39
C VAL A 279 13.38 2.63 -12.76
N LEU A 280 12.05 2.62 -12.93
CA LEU A 280 11.23 1.55 -12.35
C LEU A 280 10.85 0.48 -13.36
N PHE A 281 11.44 0.48 -14.56
CA PHE A 281 11.05 -0.46 -15.60
C PHE A 281 11.06 -1.90 -15.09
N ASP A 282 12.14 -2.31 -14.43
CA ASP A 282 12.25 -3.72 -14.05
C ASP A 282 11.30 -4.11 -12.93
N PHE A 283 10.51 -3.19 -12.39
CA PHE A 283 9.38 -3.52 -11.53
C PHE A 283 8.04 -3.36 -12.26
N VAL A 284 7.76 -2.15 -12.78
CA VAL A 284 6.48 -1.86 -13.42
C VAL A 284 6.18 -2.83 -14.55
N HIS A 285 7.19 -3.15 -15.36
CA HIS A 285 6.85 -3.88 -16.59
C HIS A 285 6.66 -5.38 -16.28
N PRO A 286 7.66 -6.09 -15.73
CA PRO A 286 7.46 -7.54 -15.52
C PRO A 286 6.71 -7.90 -14.25
N ASP A 287 6.73 -7.06 -13.22
CA ASP A 287 6.08 -7.41 -11.96
C ASP A 287 4.71 -6.77 -11.78
N LEU A 288 4.27 -5.92 -12.70
CA LEU A 288 2.93 -5.36 -12.60
C LEU A 288 2.20 -5.42 -13.94
N ASN A 289 2.70 -4.69 -14.94
CA ASN A 289 1.96 -4.48 -16.18
C ASN A 289 1.72 -5.79 -16.93
N VAL A 290 2.79 -6.54 -17.24
CA VAL A 290 2.61 -7.77 -18.01
C VAL A 290 1.74 -8.78 -17.27
N PRO A 291 2.02 -9.14 -16.02
CA PRO A 291 1.15 -10.15 -15.39
C PRO A 291 -0.27 -9.65 -15.14
N ALA A 292 -0.45 -8.37 -14.81
CA ALA A 292 -1.81 -7.88 -14.58
C ALA A 292 -2.64 -7.89 -15.88
N ALA A 293 -2.02 -7.51 -17.00
CA ALA A 293 -2.73 -7.53 -18.29
C ALA A 293 -3.08 -8.96 -18.69
N TYR A 294 -2.14 -9.88 -18.51
CA TYR A 294 -2.40 -11.30 -18.77
C TYR A 294 -3.62 -11.77 -17.96
N GLU A 295 -3.65 -11.46 -16.67
CA GLU A 295 -4.75 -11.94 -15.83
C GLU A 295 -6.07 -11.32 -16.24
N ASN A 296 -6.05 -10.05 -16.64
CA ASN A 296 -7.26 -9.34 -17.05
C ASN A 296 -7.73 -9.81 -18.42
N LEU A 297 -6.82 -9.90 -19.39
CA LEU A 297 -7.22 -10.32 -20.74
C LEU A 297 -7.58 -11.79 -20.78
N TYR A 298 -7.12 -12.57 -19.80
CA TYR A 298 -7.56 -13.94 -19.66
C TYR A 298 -9.09 -14.05 -19.71
N PHE A 299 -9.81 -13.03 -19.24
CA PHE A 299 -11.25 -13.08 -19.14
C PHE A 299 -11.98 -12.32 -20.25
N GLN A 300 -11.27 -11.92 -21.31
CA GLN A 300 -11.87 -11.17 -22.40
C GLN A 300 -11.86 -11.95 -23.71
N LEU B 1 11.69 -6.27 -5.49
CA LEU B 1 10.89 -6.62 -4.32
C LEU B 1 11.79 -7.03 -3.15
N ILE B 2 11.47 -6.52 -1.95
CA ILE B 2 12.24 -6.91 -0.78
C ILE B 2 12.04 -8.38 -0.45
N LEU B 3 10.86 -8.92 -0.77
CA LEU B 3 10.52 -10.30 -0.48
C LEU B 3 9.61 -10.81 -1.58
N ASP B 4 9.99 -11.90 -2.23
CA ASP B 4 9.22 -12.46 -3.33
C ASP B 4 8.50 -13.72 -2.82
N PHE B 5 7.20 -13.60 -2.60
CA PHE B 5 6.48 -14.74 -2.05
C PHE B 5 6.42 -15.92 -3.02
N ASN B 6 6.78 -15.75 -4.29
CA ASN B 6 6.89 -16.90 -5.19
C ASN B 6 8.16 -17.71 -4.94
N LYS B 7 9.11 -17.19 -4.17
CA LYS B 7 10.36 -17.89 -3.92
C LYS B 7 10.43 -18.54 -2.54
N VAL B 8 9.42 -18.33 -1.68
CA VAL B 8 9.42 -18.91 -0.33
C VAL B 8 9.13 -20.41 -0.42
N GLN B 9 9.84 -21.20 0.39
CA GLN B 9 9.58 -22.63 0.51
C GLN B 9 9.45 -23.01 1.99
N MET B 10 8.26 -23.48 2.38
CA MET B 10 7.97 -23.74 3.78
C MET B 10 8.54 -25.09 4.22
N ARG B 11 9.02 -25.15 5.45
N ARG B 11 9.02 -25.16 5.45
CA ARG B 11 9.57 -26.37 6.02
CA ARG B 11 9.59 -26.37 6.02
C ARG B 11 8.93 -26.65 7.37
C ARG B 11 9.00 -26.64 7.40
N SER B 12 8.99 -27.91 7.79
CA SER B 12 8.51 -28.33 9.09
C SER B 12 9.66 -28.38 10.09
N GLN B 13 9.45 -27.81 11.29
CA GLN B 13 10.44 -27.87 12.37
C GLN B 13 9.71 -28.20 13.66
N GLN B 14 9.98 -29.37 14.22
CA GLN B 14 9.30 -29.83 15.42
C GLN B 14 9.85 -29.10 16.64
N LEU B 15 8.94 -28.59 17.48
CA LEU B 15 9.30 -27.96 18.74
C LEU B 15 9.03 -28.84 19.95
N ALA B 16 8.12 -29.81 19.82
CA ALA B 16 7.70 -30.67 20.91
C ALA B 16 6.81 -31.75 20.34
N PRO B 17 6.50 -32.81 21.08
CA PRO B 17 5.52 -33.79 20.59
C PRO B 17 4.22 -33.12 20.19
N GLY B 18 3.83 -33.29 18.93
CA GLY B 18 2.63 -32.68 18.39
C GLY B 18 2.66 -31.17 18.23
N VAL B 19 3.84 -30.52 18.27
CA VAL B 19 3.94 -29.07 18.13
C VAL B 19 5.03 -28.77 17.12
N TYR B 20 4.65 -28.13 16.01
CA TYR B 20 5.53 -27.88 14.87
C TYR B 20 5.45 -26.42 14.48
N ALA B 21 6.59 -25.86 14.14
CA ALA B 21 6.65 -24.58 13.46
C ALA B 21 6.69 -24.83 11.95
N HIS B 22 6.06 -23.93 11.20
CA HIS B 22 6.19 -23.88 9.75
C HIS B 22 7.04 -22.66 9.41
N LEU B 23 8.26 -22.89 8.89
CA LEU B 23 9.24 -21.83 8.72
C LEU B 23 9.76 -21.82 7.29
N PRO B 24 9.84 -20.66 6.64
CA PRO B 24 10.53 -20.61 5.36
C PRO B 24 11.93 -21.19 5.51
N ALA B 25 12.41 -21.81 4.43
CA ALA B 25 13.68 -22.52 4.46
C ALA B 25 14.85 -21.59 4.78
N ASP B 26 14.77 -20.34 4.34
CA ASP B 26 15.84 -19.37 4.53
C ASP B 26 15.59 -18.45 5.73
N SER B 27 14.61 -18.76 6.57
CA SER B 27 14.27 -17.86 7.66
CA SER B 27 14.26 -17.86 7.65
C SER B 27 15.41 -17.70 8.65
N ALA B 28 16.05 -18.82 9.03
CA ALA B 28 17.18 -18.73 9.96
C ALA B 28 18.30 -17.89 9.37
N GLU B 29 18.67 -18.15 8.11
CA GLU B 29 19.69 -17.38 7.43
C GLU B 29 19.33 -15.90 7.40
N LEU B 30 18.08 -15.60 7.01
CA LEU B 30 17.63 -14.21 6.91
C LEU B 30 17.61 -13.53 8.27
N ASN B 31 17.09 -14.19 9.31
CA ASN B 31 17.07 -13.56 10.62
C ASN B 31 18.49 -13.22 11.09
N ALA B 32 19.45 -14.10 10.80
CA ALA B 32 20.81 -13.87 11.26
C ALA B 32 21.45 -12.69 10.55
N LYS B 33 21.01 -12.39 9.32
CA LYS B 33 21.53 -11.24 8.57
C LYS B 33 20.72 -9.97 8.78
N GLY B 34 19.69 -10.01 9.63
CA GLY B 34 18.78 -8.89 9.73
C GLY B 34 17.94 -8.66 8.49
N GLY B 35 17.65 -9.72 7.74
CA GLY B 35 16.87 -9.61 6.52
C GLY B 35 15.39 -9.70 6.77
N VAL B 36 14.63 -9.77 5.68
CA VAL B 36 13.18 -9.78 5.70
C VAL B 36 12.73 -11.18 5.32
N ALA B 37 12.18 -11.92 6.27
CA ALA B 37 11.81 -13.32 6.05
C ALA B 37 10.31 -13.44 5.80
N GLY B 38 9.94 -14.54 5.14
CA GLY B 38 8.55 -14.85 4.91
C GLY B 38 7.82 -15.16 6.21
N THR B 39 6.51 -15.38 6.07
CA THR B 39 5.64 -15.62 7.21
C THR B 39 5.91 -16.97 7.86
N SER B 40 5.97 -16.98 9.19
CA SER B 40 6.01 -18.21 9.96
C SER B 40 4.61 -18.66 10.34
N GLY B 41 4.41 -19.96 10.41
CA GLY B 41 3.16 -20.53 10.87
C GLY B 41 3.38 -21.67 11.84
N GLY B 42 2.45 -22.62 11.90
CA GLY B 42 2.69 -23.74 12.77
C GLY B 42 1.50 -24.69 12.80
N LEU B 43 1.67 -25.75 13.59
CA LEU B 43 0.66 -26.79 13.69
C LEU B 43 0.72 -27.37 15.10
N ILE B 44 -0.46 -27.56 15.71
CA ILE B 44 -0.58 -28.21 17.00
C ILE B 44 -1.52 -29.41 16.84
N VAL B 45 -1.10 -30.58 17.31
CA VAL B 45 -1.82 -31.83 17.11
C VAL B 45 -2.18 -32.43 18.46
N GLY B 46 -3.46 -32.74 18.65
CA GLY B 46 -3.91 -33.57 19.75
C GLY B 46 -4.45 -34.90 19.24
N THR B 47 -5.05 -35.65 20.16
CA THR B 47 -5.61 -36.93 19.76
C THR B 47 -6.83 -36.80 18.87
N ARG B 48 -7.55 -35.68 18.93
CA ARG B 48 -8.74 -35.52 18.10
C ARG B 48 -8.42 -34.95 16.73
N GLY B 49 -7.33 -34.22 16.59
CA GLY B 49 -7.06 -33.53 15.34
C GLY B 49 -6.13 -32.38 15.59
N ALA B 50 -6.01 -31.53 14.56
CA ALA B 50 -4.93 -30.57 14.51
C ALA B 50 -5.47 -29.17 14.28
N MET B 51 -4.65 -28.18 14.68
CA MET B 51 -4.94 -26.77 14.48
C MET B 51 -3.80 -26.16 13.69
N LEU B 52 -4.12 -25.54 12.55
CA LEU B 52 -3.14 -24.84 11.71
C LEU B 52 -3.04 -23.39 12.15
N ILE B 53 -1.82 -22.88 12.32
CA ILE B 53 -1.62 -21.46 12.62
C ILE B 53 -1.11 -20.79 11.34
N GLU B 54 -1.88 -19.80 10.86
CA GLU B 54 -1.64 -19.04 9.61
C GLU B 54 -1.96 -19.87 8.37
N THR B 55 -2.71 -19.29 7.43
CA THR B 55 -3.09 -19.99 6.20
C THR B 55 -2.37 -19.46 4.97
N MET B 56 -1.44 -18.51 5.15
CA MET B 56 -0.44 -18.11 4.15
C MET B 56 -0.99 -17.19 3.06
N LEU B 57 -0.08 -16.70 2.21
CA LEU B 57 -0.41 -15.64 1.25
C LEU B 57 -1.24 -16.15 0.07
N ASN B 58 -0.94 -17.36 -0.40
CA ASN B 58 -1.43 -17.77 -1.69
C ASN B 58 -1.61 -19.28 -1.71
N ARG B 59 -2.10 -19.77 -2.85
CA ARG B 59 -2.39 -21.18 -2.98
C ARG B 59 -1.14 -22.04 -2.88
N ARG B 60 -0.02 -21.57 -3.47
CA ARG B 60 1.21 -22.35 -3.43
C ARG B 60 1.67 -22.57 -1.99
N LEU B 61 1.73 -21.49 -1.20
CA LEU B 61 2.21 -21.60 0.18
C LEU B 61 1.21 -22.34 1.05
N PHE B 62 -0.09 -22.09 0.84
CA PHE B 62 -1.11 -22.87 1.54
C PHE B 62 -0.93 -24.36 1.28
N ASP B 63 -0.75 -24.75 0.01
CA ASP B 63 -0.59 -26.18 -0.30
C ASP B 63 0.64 -26.76 0.38
N GLN B 64 1.72 -25.98 0.47
CA GLN B 64 2.93 -26.45 1.15
C GLN B 64 2.66 -26.74 2.62
N VAL B 65 2.00 -25.82 3.34
CA VAL B 65 1.83 -26.08 4.77
C VAL B 65 0.75 -27.13 4.98
N GLN B 66 -0.21 -27.23 4.05
CA GLN B 66 -1.18 -28.32 4.12
C GLN B 66 -0.50 -29.66 3.92
N ALA B 67 0.50 -29.73 3.03
CA ALA B 67 1.25 -30.98 2.85
C ALA B 67 2.05 -31.31 4.11
N LEU B 68 2.68 -30.29 4.72
CA LEU B 68 3.40 -30.53 5.97
C LEU B 68 2.44 -31.01 7.05
N ALA B 69 1.26 -30.39 7.15
CA ALA B 69 0.30 -30.74 8.18
C ALA B 69 -0.16 -32.18 8.06
N LYS B 70 -0.26 -32.69 6.83
CA LYS B 70 -0.68 -34.08 6.64
C LYS B 70 0.33 -35.06 7.22
N LYS B 71 1.62 -34.73 7.13
CA LYS B 71 2.63 -35.58 7.75
C LYS B 71 2.73 -35.32 9.24
N GLU B 72 2.67 -34.07 9.66
CA GLU B 72 2.76 -33.75 11.09
C GLU B 72 1.60 -34.34 11.87
N ALA B 73 0.41 -34.37 11.29
CA ALA B 73 -0.78 -34.79 12.00
C ALA B 73 -1.14 -36.24 11.75
N LEU B 74 -0.34 -36.95 10.97
CA LEU B 74 -0.48 -38.38 10.68
C LEU B 74 -1.93 -38.79 10.46
N GLY B 75 -2.53 -38.22 9.41
CA GLY B 75 -3.87 -38.61 9.02
C GLY B 75 -5.01 -38.03 9.83
N LEU B 76 -4.74 -37.42 10.99
CA LEU B 76 -5.82 -36.84 11.78
C LEU B 76 -6.41 -35.64 11.04
N PRO B 77 -7.67 -35.29 11.31
CA PRO B 77 -8.28 -34.18 10.57
C PRO B 77 -7.76 -32.82 11.02
N LEU B 78 -7.77 -31.88 10.09
CA LEU B 78 -7.45 -30.49 10.39
C LEU B 78 -8.73 -29.85 10.92
N LEU B 79 -8.80 -29.67 12.23
CA LEU B 79 -10.03 -29.20 12.86
C LEU B 79 -10.17 -27.69 12.85
N TYR B 80 -9.06 -26.94 12.96
CA TYR B 80 -9.08 -25.49 13.08
C TYR B 80 -7.93 -24.89 12.29
N ALA B 81 -8.10 -23.61 11.93
CA ALA B 81 -7.05 -22.77 11.40
C ALA B 81 -7.23 -21.38 12.01
N VAL B 82 -6.13 -20.77 12.48
CA VAL B 82 -6.14 -19.49 13.19
C VAL B 82 -5.43 -18.45 12.34
N ASN B 83 -6.01 -17.25 12.24
CA ASN B 83 -5.34 -16.09 11.67
C ASN B 83 -4.93 -15.18 12.82
N THR B 84 -3.61 -14.98 13.00
CA THR B 84 -3.21 -14.06 14.06
C THR B 84 -3.57 -12.60 13.73
N SER B 85 -3.71 -12.24 12.46
CA SER B 85 -4.16 -10.90 12.08
C SER B 85 -4.79 -11.00 10.69
N TYR B 86 -5.33 -9.87 10.22
CA TYR B 86 -5.95 -9.86 8.90
C TYR B 86 -4.92 -9.82 7.76
N HIS B 87 -3.66 -9.48 8.04
CA HIS B 87 -2.65 -9.35 6.99
C HIS B 87 -2.66 -10.56 6.09
N GLY B 88 -2.62 -10.30 4.78
CA GLY B 88 -2.88 -11.36 3.81
C GLY B 88 -1.90 -12.51 3.91
N ASP B 89 -0.63 -12.21 4.24
CA ASP B 89 0.34 -13.30 4.34
C ASP B 89 0.05 -14.24 5.51
N HIS B 90 -0.89 -13.87 6.39
CA HIS B 90 -1.34 -14.74 7.46
C HIS B 90 -2.71 -15.34 7.22
N SER B 91 -3.46 -14.88 6.22
CA SER B 91 -4.88 -15.24 6.22
C SER B 91 -5.52 -15.43 4.84
N TYR B 92 -4.83 -15.04 3.77
CA TYR B 92 -5.42 -15.18 2.44
C TYR B 92 -5.75 -16.62 2.12
N GLY B 93 -5.01 -17.58 2.67
CA GLY B 93 -5.26 -18.97 2.32
C GLY B 93 -6.52 -19.57 2.90
N ASN B 94 -7.29 -18.81 3.71
CA ASN B 94 -8.51 -19.32 4.32
C ASN B 94 -9.45 -19.93 3.28
N MET B 95 -9.57 -19.29 2.11
CA MET B 95 -10.48 -19.75 1.07
C MET B 95 -10.20 -21.17 0.62
N TYR B 96 -9.00 -21.69 0.85
CA TYR B 96 -8.67 -23.03 0.36
C TYR B 96 -8.94 -24.13 1.39
N LEU B 97 -9.27 -23.77 2.64
CA LEU B 97 -9.60 -24.78 3.63
C LEU B 97 -10.86 -25.54 3.23
N LYS B 98 -10.87 -26.84 3.49
CA LYS B 98 -12.04 -27.67 3.26
C LYS B 98 -12.67 -28.08 4.60
N ALA B 99 -13.88 -28.63 4.51
CA ALA B 99 -14.49 -29.25 5.67
C ALA B 99 -13.55 -30.31 6.25
N PRO B 100 -13.52 -30.47 7.60
CA PRO B 100 -14.39 -29.78 8.55
C PRO B 100 -13.71 -28.58 9.22
N THR B 101 -12.70 -27.99 8.59
CA THR B 101 -11.87 -27.01 9.30
C THR B 101 -12.67 -25.74 9.62
N ARG B 102 -12.56 -25.26 10.86
CA ARG B 102 -13.18 -24.01 11.28
C ARG B 102 -12.12 -22.94 11.48
N VAL B 103 -12.39 -21.75 10.96
CA VAL B 103 -11.46 -20.62 11.07
C VAL B 103 -11.69 -19.89 12.39
N ILE B 104 -10.59 -19.61 13.10
CA ILE B 104 -10.62 -18.75 14.28
C ILE B 104 -9.89 -17.45 13.94
N GLN B 105 -10.57 -16.32 14.17
CA GLN B 105 -9.95 -15.02 13.98
C GLN B 105 -10.69 -14.01 14.84
N SER B 106 -10.11 -12.80 14.92
N SER B 106 -10.12 -12.80 14.91
CA SER B 106 -10.74 -11.74 15.70
CA SER B 106 -10.71 -11.72 15.68
C SER B 106 -11.93 -11.16 14.97
C SER B 106 -11.93 -11.16 14.96
N THR B 107 -12.89 -10.63 15.73
CA THR B 107 -14.02 -9.93 15.12
C THR B 107 -13.52 -8.77 14.27
N LYS B 108 -12.42 -8.14 14.68
CA LYS B 108 -11.83 -7.03 13.91
C LYS B 108 -11.32 -7.51 12.56
N THR B 109 -10.69 -8.68 12.51
CA THR B 109 -10.25 -9.24 11.24
C THR B 109 -11.44 -9.47 10.30
N ARG B 110 -12.50 -10.10 10.80
CA ARG B 110 -13.70 -10.32 9.98
C ARG B 110 -14.24 -9.01 9.43
N ASP B 111 -14.33 -7.98 10.28
CA ASP B 111 -14.88 -6.70 9.84
C ASP B 111 -14.01 -6.07 8.77
N TYR B 112 -12.69 -6.09 8.95
CA TYR B 112 -11.80 -5.53 7.95
C TYR B 112 -11.92 -6.26 6.62
N VAL B 113 -11.92 -7.59 6.66
CA VAL B 113 -12.01 -8.36 5.43
C VAL B 113 -13.34 -8.09 4.72
N ASP B 114 -14.43 -8.03 5.50
CA ASP B 114 -15.74 -7.82 4.88
C ASP B 114 -15.80 -6.47 4.16
N GLY B 115 -15.18 -5.44 4.71
CA GLY B 115 -15.28 -4.12 4.12
C GLY B 115 -14.18 -3.76 3.14
N HIS B 116 -13.00 -4.38 3.25
CA HIS B 116 -11.84 -3.82 2.55
C HIS B 116 -10.90 -4.86 1.92
N LEU B 117 -11.33 -6.12 1.74
CA LEU B 117 -10.41 -7.10 1.15
C LEU B 117 -9.92 -6.68 -0.23
N ALA B 118 -10.79 -6.05 -1.05
CA ALA B 118 -10.37 -5.58 -2.36
C ALA B 118 -9.25 -4.54 -2.27
N ASP B 119 -9.37 -3.57 -1.36
CA ASP B 119 -8.29 -2.61 -1.18
C ASP B 119 -7.04 -3.28 -0.66
N ASP B 120 -7.20 -4.19 0.30
CA ASP B 120 -6.06 -4.92 0.86
C ASP B 120 -5.32 -5.67 -0.23
N LYS B 121 -6.05 -6.38 -1.10
CA LYS B 121 -5.42 -7.09 -2.22
C LYS B 121 -4.67 -6.12 -3.13
N ALA B 122 -5.30 -4.98 -3.46
CA ALA B 122 -4.62 -4.02 -4.31
C ALA B 122 -3.31 -3.57 -3.68
N PHE B 123 -3.31 -3.32 -2.37
CA PHE B 123 -2.08 -2.94 -1.69
C PHE B 123 -1.02 -4.04 -1.79
N MET B 124 -1.43 -5.29 -1.56
CA MET B 124 -0.47 -6.40 -1.57
C MET B 124 0.09 -6.64 -2.98
N VAL B 125 -0.72 -6.44 -4.02
CA VAL B 125 -0.17 -6.56 -5.37
C VAL B 125 0.86 -5.46 -5.61
N LYS B 126 0.56 -4.22 -5.19
CA LYS B 126 1.50 -3.12 -5.43
C LYS B 126 2.85 -3.41 -4.79
N ASN B 127 2.86 -3.94 -3.57
CA ASN B 127 4.09 -4.08 -2.79
C ASN B 127 4.71 -5.46 -2.85
N PHE B 128 4.02 -6.47 -3.38
CA PHE B 128 4.61 -7.80 -3.49
C PHE B 128 4.48 -8.36 -4.91
N GLY B 129 3.94 -7.58 -5.83
CA GLY B 129 3.94 -7.96 -7.23
C GLY B 129 2.63 -8.58 -7.67
N ALA B 130 2.33 -8.44 -8.96
CA ALA B 130 1.25 -9.17 -9.58
C ALA B 130 1.68 -10.60 -9.91
N GLY B 131 0.69 -11.48 -10.04
CA GLY B 131 0.98 -12.86 -10.36
C GLY B 131 1.58 -13.68 -9.23
N ARG B 132 1.50 -13.19 -7.99
CA ARG B 132 1.91 -13.94 -6.81
C ARG B 132 0.75 -14.61 -6.10
N GLY B 133 -0.39 -14.79 -6.79
CA GLY B 133 -1.54 -15.46 -6.21
C GLY B 133 -2.49 -14.59 -5.41
N VAL B 134 -2.22 -13.28 -5.30
CA VAL B 134 -3.14 -12.41 -4.56
C VAL B 134 -4.43 -12.20 -5.35
N GLU B 135 -4.33 -12.09 -6.68
CA GLU B 135 -5.50 -11.79 -7.49
C GLU B 135 -6.58 -12.86 -7.38
N GLN B 136 -6.18 -14.09 -7.10
CA GLN B 136 -7.11 -15.22 -6.97
C GLN B 136 -7.87 -15.23 -5.65
N ILE B 137 -7.51 -14.40 -4.67
CA ILE B 137 -8.02 -14.57 -3.30
C ILE B 137 -9.44 -14.05 -3.21
N THR B 138 -10.33 -14.84 -2.60
CA THR B 138 -11.66 -14.39 -2.21
C THR B 138 -11.81 -14.48 -0.69
N ALA B 139 -12.85 -13.82 -0.18
CA ALA B 139 -13.03 -13.69 1.25
C ALA B 139 -13.51 -15.00 1.87
N ARG B 140 -12.96 -15.31 3.05
CA ARG B 140 -13.44 -16.45 3.85
C ARG B 140 -13.18 -16.07 5.31
N THR B 141 -14.18 -15.53 5.99
CA THR B 141 -13.98 -15.02 7.34
C THR B 141 -14.24 -16.13 8.37
N GLY B 142 -14.11 -15.77 9.65
CA GLY B 142 -14.03 -16.80 10.69
C GLY B 142 -15.37 -17.44 11.02
N ASP B 143 -15.29 -18.71 11.42
CA ASP B 143 -16.39 -19.44 12.03
C ASP B 143 -16.55 -19.07 13.50
N ILE B 144 -15.43 -18.92 14.18
CA ILE B 144 -15.37 -18.64 15.60
C ILE B 144 -14.59 -17.34 15.74
N LEU B 145 -15.24 -16.32 16.30
CA LEU B 145 -14.69 -14.97 16.31
C LEU B 145 -14.40 -14.56 17.74
N VAL B 146 -13.18 -14.09 17.97
CA VAL B 146 -12.75 -13.62 19.30
C VAL B 146 -13.02 -12.12 19.38
N PRO B 147 -13.81 -11.65 20.33
CA PRO B 147 -14.12 -10.22 20.44
C PRO B 147 -12.90 -9.44 20.94
N PRO B 148 -12.91 -8.11 20.83
CA PRO B 148 -11.76 -7.31 21.26
C PRO B 148 -11.38 -7.57 22.71
N GLY B 149 -10.11 -7.89 22.94
CA GLY B 149 -9.63 -8.21 24.27
C GLY B 149 -10.11 -9.55 24.82
N GLY B 150 -10.68 -10.40 23.98
CA GLY B 150 -11.24 -11.66 24.43
C GLY B 150 -10.26 -12.82 24.30
N ARG B 151 -10.77 -14.01 24.60
CA ARG B 151 -9.96 -15.21 24.46
C ARG B 151 -10.86 -16.43 24.42
N VAL B 152 -10.37 -17.48 23.78
CA VAL B 152 -11.11 -18.74 23.65
C VAL B 152 -10.09 -19.87 23.76
N SER B 153 -10.54 -21.01 24.26
CA SER B 153 -9.68 -22.19 24.36
C SER B 153 -10.24 -23.27 23.46
N VAL B 154 -9.33 -24.08 22.91
CA VAL B 154 -9.71 -25.13 21.98
C VAL B 154 -9.07 -26.44 22.45
N ASP B 155 -9.89 -27.46 22.65
CA ASP B 155 -9.44 -28.77 23.13
C ASP B 155 -9.23 -29.69 21.92
N LEU B 156 -7.98 -30.08 21.68
CA LEU B 156 -7.64 -30.97 20.58
C LEU B 156 -7.56 -32.42 21.03
N GLY B 157 -7.85 -32.70 22.30
CA GLY B 157 -7.65 -34.03 22.85
C GLY B 157 -6.27 -34.17 23.45
N GLY B 158 -6.17 -34.04 24.77
CA GLY B 158 -4.89 -34.08 25.44
C GLY B 158 -4.08 -32.81 25.36
N LYS B 159 -4.46 -31.88 24.49
CA LYS B 159 -3.84 -30.55 24.39
C LYS B 159 -4.97 -29.53 24.31
N THR B 160 -4.86 -28.45 25.08
CA THR B 160 -5.82 -27.35 25.00
C THR B 160 -5.06 -26.08 24.63
N VAL B 161 -5.44 -25.47 23.50
CA VAL B 161 -4.77 -24.28 22.98
C VAL B 161 -5.52 -23.04 23.44
N GLU B 162 -4.79 -22.01 23.84
CA GLU B 162 -5.38 -20.75 24.26
CA GLU B 162 -5.36 -20.74 24.26
C GLU B 162 -5.12 -19.71 23.18
N ILE B 163 -6.19 -19.10 22.70
CA ILE B 163 -6.13 -18.04 21.68
C ILE B 163 -6.54 -16.74 22.37
N ILE B 164 -5.61 -15.79 22.41
CA ILE B 164 -5.72 -14.65 23.34
C ILE B 164 -5.49 -13.35 22.58
N ASP B 165 -6.39 -12.39 22.80
CA ASP B 165 -6.18 -11.00 22.37
C ASP B 165 -5.61 -10.25 23.57
N PHE B 166 -4.30 -9.99 23.54
CA PHE B 166 -3.61 -9.29 24.63
C PHE B 166 -3.73 -7.79 24.54
N GLY B 167 -4.28 -7.26 23.44
CA GLY B 167 -4.39 -5.84 23.22
C GLY B 167 -3.85 -5.48 21.87
N PHE B 168 -3.84 -4.18 21.60
CA PHE B 168 -3.35 -3.69 20.31
C PHE B 168 -1.85 -3.93 20.19
N ALA B 169 -1.44 -4.67 19.17
CA ALA B 169 -0.02 -4.81 18.86
C ALA B 169 0.34 -4.58 17.39
N GLN B 170 -0.65 -4.47 16.49
CA GLN B 170 -0.39 -4.26 15.08
C GLN B 170 -1.65 -3.78 14.36
N THR B 171 -2.74 -4.53 14.51
CA THR B 171 -3.98 -4.23 13.79
C THR B 171 -5.18 -3.93 14.69
N GLY B 172 -5.13 -4.27 15.97
CA GLY B 172 -6.30 -4.21 16.81
C GLY B 172 -7.13 -5.48 16.84
N GLY B 173 -6.88 -6.42 15.94
CA GLY B 173 -7.45 -7.74 16.07
C GLY B 173 -6.36 -8.80 16.06
N ASP B 174 -5.28 -8.55 16.82
CA ASP B 174 -4.11 -9.42 16.85
C ASP B 174 -4.34 -10.54 17.86
N LEU B 175 -4.21 -11.78 17.41
CA LEU B 175 -4.39 -12.94 18.27
C LEU B 175 -3.04 -13.59 18.52
N PHE B 176 -2.82 -14.01 19.77
CA PHE B 176 -1.67 -14.82 20.16
C PHE B 176 -2.17 -16.25 20.40
N VAL B 177 -1.37 -17.24 20.02
CA VAL B 177 -1.74 -18.64 20.18
C VAL B 177 -0.78 -19.26 21.19
N TRP B 178 -1.32 -19.81 22.28
CA TRP B 178 -0.51 -20.27 23.41
C TRP B 178 -0.82 -21.72 23.70
N GLU B 179 0.22 -22.54 23.74
CA GLU B 179 0.11 -23.97 24.04
C GLU B 179 0.86 -24.21 25.33
N PRO B 180 0.16 -24.26 26.46
CA PRO B 180 0.86 -24.25 27.77
C PRO B 180 1.67 -25.49 28.07
N GLN B 181 1.39 -26.63 27.44
CA GLN B 181 2.16 -27.84 27.76
C GLN B 181 3.58 -27.73 27.21
N SER B 182 3.70 -27.51 25.89
CA SER B 182 5.01 -27.29 25.29
C SER B 182 5.55 -25.90 25.56
N LYS B 183 4.71 -24.98 26.06
CA LYS B 183 5.09 -23.59 26.32
C LYS B 183 5.55 -22.89 25.03
N VAL B 184 4.75 -23.03 23.98
CA VAL B 184 5.02 -22.35 22.71
C VAL B 184 3.95 -21.29 22.48
N MET B 185 4.39 -20.10 22.08
CA MET B 185 3.49 -19.01 21.74
CA MET B 185 3.50 -18.99 21.74
C MET B 185 3.78 -18.53 20.32
N TRP B 186 2.73 -18.39 19.52
CA TRP B 186 2.82 -17.72 18.24
C TRP B 186 2.31 -16.30 18.44
N THR B 187 3.06 -15.32 17.94
CA THR B 187 2.74 -13.91 18.11
C THR B 187 2.18 -13.26 16.85
N GLY B 188 2.28 -13.92 15.70
CA GLY B 188 2.02 -13.17 14.45
C GLY B 188 2.94 -11.96 14.35
N ASN B 189 2.48 -10.98 13.55
CA ASN B 189 3.28 -9.78 13.30
C ASN B 189 3.56 -8.97 14.56
N ALA B 190 2.91 -9.26 15.69
CA ALA B 190 3.16 -8.50 16.90
C ALA B 190 4.63 -8.55 17.32
N VAL B 191 5.33 -9.63 17.00
CA VAL B 191 6.78 -9.72 17.18
C VAL B 191 7.32 -10.15 15.83
N VAL B 192 8.06 -9.26 15.16
CA VAL B 192 8.42 -9.51 13.77
C VAL B 192 9.41 -10.67 13.68
N ALA B 193 10.46 -10.61 14.50
CA ALA B 193 11.55 -11.59 14.52
C ALA B 193 12.47 -11.17 15.66
N SER B 194 13.42 -12.03 15.96
CA SER B 194 14.43 -11.69 16.95
C SER B 194 15.30 -10.54 16.44
N LYS B 195 16.07 -9.98 17.35
CA LYS B 195 17.04 -8.93 17.05
C LYS B 195 17.85 -9.29 15.81
N PRO B 196 18.10 -8.32 14.90
CA PRO B 196 17.83 -6.89 15.03
C PRO B 196 16.51 -6.42 14.42
N ALA B 197 15.60 -7.32 14.07
CA ALA B 197 14.33 -6.88 13.49
C ALA B 197 13.62 -5.91 14.43
N LEU B 198 12.89 -4.95 13.83
CA LEU B 198 12.17 -3.92 14.59
C LEU B 198 10.66 -4.09 14.44
N PRO B 199 9.89 -3.68 15.44
CA PRO B 199 8.45 -3.50 15.25
C PRO B 199 8.16 -2.46 14.18
N TRP B 200 7.02 -2.63 13.50
CA TRP B 200 6.52 -1.64 12.54
C TRP B 200 5.33 -0.92 13.18
N LEU B 201 5.50 0.37 13.50
CA LEU B 201 4.41 1.15 14.11
C LEU B 201 3.57 1.83 13.02
N LEU B 202 2.83 1.00 12.28
CA LEU B 202 2.07 1.49 11.13
C LEU B 202 1.04 2.54 11.52
N ASP B 203 0.49 2.45 12.73
CA ASP B 203 -0.50 3.39 13.25
C ASP B 203 0.08 4.35 14.27
N GLY B 204 1.38 4.26 14.56
CA GLY B 204 1.96 5.10 15.58
C GLY B 204 1.53 4.77 17.01
N LYS B 205 0.81 3.66 17.22
CA LYS B 205 0.23 3.36 18.53
C LYS B 205 1.32 2.75 19.42
N LEU B 206 2.29 3.60 19.74
CA LEU B 206 3.49 3.17 20.45
C LEU B 206 3.17 2.70 21.86
N VAL B 207 2.41 3.49 22.62
CA VAL B 207 2.13 3.13 24.01
C VAL B 207 1.34 1.82 24.07
N GLU B 208 0.35 1.68 23.19
CA GLU B 208 -0.47 0.47 23.17
C GLU B 208 0.37 -0.76 22.80
N THR B 209 1.22 -0.64 21.77
CA THR B 209 2.05 -1.77 21.35
C THR B 209 3.04 -2.17 22.44
N LEU B 210 3.66 -1.18 23.08
CA LEU B 210 4.59 -1.48 24.16
C LEU B 210 3.87 -2.16 25.32
N ALA B 211 2.68 -1.66 25.66
CA ALA B 211 1.90 -2.26 26.75
C ALA B 211 1.51 -3.70 26.42
N THR B 212 1.10 -3.95 25.17
CA THR B 212 0.73 -5.31 24.79
C THR B 212 1.92 -6.26 24.88
N LEU B 213 3.07 -5.83 24.35
CA LEU B 213 4.24 -6.71 24.41
C LEU B 213 4.72 -6.89 25.85
N GLN B 214 4.60 -5.85 26.68
CA GLN B 214 4.93 -6.00 28.10
C GLN B 214 4.02 -7.03 28.78
N LYS B 215 2.72 -6.99 28.48
CA LYS B 215 1.82 -8.00 29.04
C LYS B 215 2.21 -9.39 28.57
N VAL B 216 2.56 -9.54 27.30
CA VAL B 216 2.97 -10.85 26.81
C VAL B 216 4.22 -11.30 27.54
N TYR B 217 5.20 -10.40 27.70
CA TYR B 217 6.41 -10.75 28.44
C TYR B 217 6.08 -11.19 29.87
N ASP B 218 5.23 -10.42 30.57
CA ASP B 218 4.87 -10.78 31.93
C ASP B 218 4.10 -12.09 31.99
N PHE B 219 3.37 -12.43 30.91
CA PHE B 219 2.57 -13.64 30.89
C PHE B 219 3.43 -14.89 30.71
N LEU B 220 4.48 -14.81 29.91
CA LEU B 220 5.21 -16.01 29.51
C LEU B 220 6.10 -16.53 30.63
N PRO B 221 6.20 -17.85 30.79
CA PRO B 221 7.20 -18.40 31.71
C PRO B 221 8.59 -18.22 31.14
N PRO B 222 9.62 -18.28 31.99
CA PRO B 222 10.99 -18.01 31.51
C PRO B 222 11.51 -19.02 30.52
N ASP B 223 10.94 -20.22 30.44
CA ASP B 223 11.35 -21.21 29.44
C ASP B 223 10.38 -21.29 28.26
N ALA B 224 9.61 -20.24 28.02
CA ALA B 224 8.72 -20.26 26.87
C ALA B 224 9.53 -20.15 25.57
N THR B 225 8.93 -20.64 24.50
CA THR B 225 9.45 -20.51 23.14
C THR B 225 8.44 -19.72 22.34
N ILE B 226 8.90 -18.67 21.65
CA ILE B 226 8.06 -17.78 20.87
C ILE B 226 8.34 -18.02 19.39
N VAL B 227 7.29 -18.21 18.61
CA VAL B 227 7.41 -18.24 17.15
C VAL B 227 6.95 -16.88 16.63
N PRO B 228 7.86 -16.02 16.19
CA PRO B 228 7.47 -14.68 15.74
C PRO B 228 6.84 -14.75 14.36
N GLY B 229 6.25 -13.63 13.94
CA GLY B 229 5.52 -13.64 12.68
C GLY B 229 6.40 -13.89 11.47
N HIS B 230 7.63 -13.41 11.49
CA HIS B 230 8.52 -13.49 10.33
C HIS B 230 9.92 -13.90 10.78
N GLY B 231 10.00 -14.96 11.57
CA GLY B 231 11.31 -15.43 12.01
C GLY B 231 11.23 -16.80 12.65
N VAL B 232 12.41 -17.30 13.01
CA VAL B 232 12.50 -18.60 13.65
C VAL B 232 12.30 -18.40 15.15
N PRO B 233 12.11 -19.47 15.92
CA PRO B 233 11.77 -19.31 17.34
C PRO B 233 12.78 -18.51 18.15
N MET B 234 12.25 -17.78 19.12
CA MET B 234 13.01 -16.98 20.06
C MET B 234 12.75 -17.44 21.49
N ALA B 235 13.65 -17.07 22.39
CA ALA B 235 13.42 -17.23 23.81
C ALA B 235 12.69 -16.01 24.36
N ARG B 236 12.24 -16.11 25.60
CA ARG B 236 11.48 -15.02 26.19
C ARG B 236 12.31 -13.75 26.30
N GLU B 237 13.59 -13.89 26.64
CA GLU B 237 14.47 -12.73 26.74
C GLU B 237 14.64 -12.01 25.40
N GLY B 238 14.33 -12.68 24.28
CA GLY B 238 14.42 -12.03 22.98
C GLY B 238 13.41 -10.92 22.80
N LEU B 239 12.35 -10.92 23.60
CA LEU B 239 11.40 -9.81 23.58
C LEU B 239 12.00 -8.51 24.12
N ARG B 240 13.06 -8.58 24.93
CA ARG B 240 13.56 -7.33 25.51
C ARG B 240 14.12 -6.39 24.47
N TRP B 241 14.67 -6.92 23.37
CA TRP B 241 15.06 -6.07 22.25
C TRP B 241 13.90 -5.17 21.83
N HIS B 242 12.72 -5.76 21.61
CA HIS B 242 11.58 -4.99 21.14
C HIS B 242 11.05 -4.07 22.21
N LEU B 243 10.98 -4.55 23.46
CA LEU B 243 10.53 -3.72 24.56
C LEU B 243 11.45 -2.52 24.75
N ASP B 244 12.78 -2.74 24.72
CA ASP B 244 13.73 -1.66 24.93
C ASP B 244 13.67 -0.66 23.79
N TYR B 245 13.55 -1.14 22.55
CA TYR B 245 13.41 -0.25 21.41
C TYR B 245 12.21 0.66 21.57
N LEU B 246 11.04 0.09 21.90
CA LEU B 246 9.84 0.89 21.98
C LEU B 246 9.92 1.88 23.14
N ALA B 247 10.48 1.46 24.27
CA ALA B 247 10.63 2.38 25.40
C ALA B 247 11.59 3.51 25.04
N ALA B 248 12.65 3.19 24.30
CA ALA B 248 13.59 4.22 23.90
C ALA B 248 12.93 5.22 22.95
N VAL B 249 12.14 4.75 21.99
CA VAL B 249 11.46 5.67 21.09
C VAL B 249 10.50 6.54 21.89
N GLN B 250 9.75 5.95 22.81
CA GLN B 250 8.78 6.72 23.59
C GLN B 250 9.47 7.80 24.41
N ALA B 251 10.57 7.46 25.10
CA ALA B 251 11.28 8.48 25.87
C ALA B 251 11.82 9.58 24.96
N GLY B 252 12.39 9.19 23.83
CA GLY B 252 12.96 10.19 22.92
C GLY B 252 11.91 11.11 22.36
N VAL B 253 10.77 10.55 21.93
CA VAL B 253 9.73 11.36 21.33
C VAL B 253 9.05 12.24 22.38
N LYS B 254 8.71 11.66 23.54
CA LYS B 254 8.12 12.43 24.63
C LYS B 254 9.01 13.60 25.00
N ASP B 255 10.32 13.38 25.08
CA ASP B 255 11.22 14.47 25.46
C ASP B 255 11.36 15.49 24.33
N ALA B 256 11.30 15.04 23.07
CA ALA B 256 11.26 15.97 21.95
C ALA B 256 10.00 16.82 21.99
N LEU B 257 8.85 16.20 22.27
CA LEU B 257 7.60 16.96 22.34
C LEU B 257 7.65 18.00 23.44
N ALA B 258 8.19 17.64 24.61
CA ALA B 258 8.23 18.58 25.72
C ALA B 258 9.19 19.73 25.45
N ARG B 259 10.21 19.49 24.63
CA ARG B 259 11.11 20.58 24.26
C ARG B 259 10.58 21.36 23.06
N LYS B 260 9.40 21.00 22.54
CA LYS B 260 8.77 21.70 21.42
C LYS B 260 9.56 21.52 20.13
N LEU B 261 10.24 20.40 19.98
CA LEU B 261 10.91 20.09 18.73
C LEU B 261 9.88 19.79 17.65
N SER B 262 10.20 20.20 16.43
CA SER B 262 9.38 19.82 15.28
C SER B 262 9.59 18.34 14.97
N LEU B 263 8.76 17.83 14.07
CA LEU B 263 8.90 16.44 13.64
C LEU B 263 10.26 16.21 13.01
N GLU B 264 10.73 17.16 12.20
CA GLU B 264 11.97 16.97 11.45
C GLU B 264 13.18 16.95 12.38
N GLN B 265 13.20 17.79 13.41
CA GLN B 265 14.34 17.72 14.32
C GLN B 265 14.25 16.53 15.27
N THR B 266 13.05 16.02 15.54
CA THR B 266 12.94 14.81 16.34
C THR B 266 13.54 13.61 15.59
N VAL B 267 13.21 13.48 14.30
CA VAL B 267 13.83 12.44 13.48
C VAL B 267 15.35 12.61 13.44
N THR B 268 15.83 13.84 13.27
CA THR B 268 17.28 14.04 13.22
C THR B 268 17.93 13.65 14.55
N GLU B 269 17.25 13.90 15.66
CA GLU B 269 17.83 13.65 16.97
C GLU B 269 17.77 12.16 17.34
N LEU B 270 16.70 11.45 16.97
CA LEU B 270 16.51 10.07 17.42
C LEU B 270 17.17 9.08 16.46
N LYS B 271 18.50 9.20 16.35
CA LYS B 271 19.21 8.34 15.42
C LYS B 271 19.23 6.90 15.92
N MET B 272 19.35 6.73 17.24
CA MET B 272 19.37 5.44 17.92
C MET B 272 20.22 4.38 17.21
N PRO B 273 21.53 4.64 17.05
CA PRO B 273 22.35 3.68 16.31
C PRO B 273 22.55 2.38 17.04
N GLU B 274 22.34 2.35 18.35
CA GLU B 274 22.45 1.11 19.11
C GLU B 274 21.35 0.10 18.77
N PHE B 275 20.34 0.50 17.99
CA PHE B 275 19.28 -0.42 17.58
C PHE B 275 19.35 -0.77 16.10
N ARG B 276 20.50 -0.55 15.46
CA ARG B 276 20.71 -0.87 14.05
C ARG B 276 20.86 -2.37 13.82
N GLY B 277 20.75 -2.76 12.56
CA GLY B 277 20.99 -4.12 12.12
C GLY B 277 19.99 -4.60 11.09
N TYR B 278 18.72 -4.25 11.29
CA TYR B 278 17.65 -4.57 10.36
C TYR B 278 17.95 -3.97 8.99
N VAL B 279 17.83 -4.79 7.94
CA VAL B 279 18.06 -4.25 6.60
C VAL B 279 17.09 -3.13 6.27
N LEU B 280 15.95 -3.08 6.95
CA LEU B 280 14.97 -2.02 6.74
C LEU B 280 15.07 -0.90 7.78
N PHE B 281 16.12 -0.88 8.60
CA PHE B 281 16.20 0.11 9.67
C PHE B 281 16.08 1.53 9.12
N ASP B 282 16.76 1.81 8.01
CA ASP B 282 16.82 3.17 7.49
C ASP B 282 15.49 3.64 6.93
N PHE B 283 14.51 2.74 6.78
CA PHE B 283 13.15 3.12 6.42
C PHE B 283 12.21 3.08 7.62
N VAL B 284 12.11 1.91 8.29
CA VAL B 284 11.13 1.72 9.36
C VAL B 284 11.36 2.65 10.52
N HIS B 285 12.62 2.97 10.83
CA HIS B 285 12.84 3.77 12.03
C HIS B 285 12.61 5.26 11.73
N PRO B 286 13.38 5.91 10.84
CA PRO B 286 13.18 7.36 10.66
C PRO B 286 11.99 7.70 9.76
N ASP B 287 11.53 6.81 8.91
CA ASP B 287 10.44 7.17 7.99
C ASP B 287 9.09 6.60 8.37
N LEU B 288 9.02 5.74 9.38
CA LEU B 288 7.72 5.28 9.86
C LEU B 288 7.60 5.48 11.35
N ASN B 289 8.46 4.80 12.13
CA ASN B 289 8.23 4.66 13.57
C ASN B 289 8.36 5.97 14.31
N VAL B 290 9.44 6.71 14.06
CA VAL B 290 9.67 7.96 14.79
C VAL B 290 8.62 8.99 14.41
N PRO B 291 8.36 9.28 13.11
CA PRO B 291 7.29 10.26 12.79
C PRO B 291 5.93 9.84 13.29
N ALA B 292 5.56 8.57 13.11
CA ALA B 292 4.22 8.13 13.52
C ALA B 292 4.05 8.26 15.03
N ALA B 293 5.08 7.91 15.80
CA ALA B 293 5.00 8.06 17.26
C ALA B 293 4.89 9.53 17.64
N TYR B 294 5.68 10.39 16.99
CA TYR B 294 5.58 11.83 17.23
C TYR B 294 4.16 12.33 17.01
N GLU B 295 3.54 11.91 15.90
CA GLU B 295 2.20 12.40 15.60
C GLU B 295 1.15 11.79 16.53
N ASN B 296 1.38 10.57 16.99
CA ASN B 296 0.39 9.93 17.86
C ASN B 296 0.44 10.53 19.27
N LEU B 297 1.64 10.85 19.75
CA LEU B 297 1.79 11.40 21.09
C LEU B 297 1.63 12.91 21.14
N TYR B 298 1.57 13.56 19.96
CA TYR B 298 1.54 15.01 19.86
C TYR B 298 0.48 15.63 20.77
N PHE B 299 -0.76 15.13 20.71
CA PHE B 299 -1.81 15.56 21.62
C PHE B 299 -2.01 14.57 22.76
N GLN B 300 -0.99 13.77 23.08
CA GLN B 300 -1.08 12.68 24.05
C GLN B 300 -2.06 11.61 23.59
ZN ZN C . 0.03 10.95 -9.17
ZN ZN D . -11.33 0.06 2.03
ZN ZN E . 3.19 -10.93 8.48
#